data_3MAG
#
_entry.id   3MAG
#
_cell.length_a   84.500
_cell.length_b   67.210
_cell.length_c   79.560
_cell.angle_alpha   90.00
_cell.angle_beta   117.30
_cell.angle_gamma   90.00
#
_symmetry.space_group_name_H-M   'C 1 2 1'
#
loop_
_entity.id
_entity.type
_entity.pdbx_description
1 polymer VP39
2 non-polymer S-ADENOSYL-L-HOMOCYSTEINE
3 non-polymer 6-AMINO-3-METHYLPURINE
4 water water
#
_entity_poly.entity_id   1
_entity_poly.type   'polypeptide(L)'
_entity_poly.pdbx_seq_one_letter_code
;MDVVSLDKPFMYFEEIDNELDYEPESANEVAKKLPYQGQLKLLLGELFFLSKLQRHGILDGATVVYIGSAPGTHIRYLRD
HFYNLGVIIKWMLIDGRHHDPILNGLRDVTLVTRFVDEEYLRSIKKQLHPSKIILISDVRSKRGGNEPSTADLLSNYALQ
NVMISILNPVASSLKWRCPFPDQWIKDFYIPHGNKMLQPFAPSYSAEMRLLSIYTGENMRLTRVTKSDAVNYEKKMYYLN
KIVRNKVVVNFDYPNQEYDYFHMYFMLRTVYCNKTFPTTKAKVLFLQQSIFRFLNIPTTSTEKVSHE
;
_entity_poly.pdbx_strand_id   A
#
loop_
_chem_comp.id
_chem_comp.type
_chem_comp.name
_chem_comp.formula
3MA non-polymer 6-AMINO-3-METHYLPURINE 'C6 H8 N5 1'
#
# COMPACT_ATOMS: atom_id res chain seq x y z
N MET A 1 -6.68 20.02 -23.29
CA MET A 1 -6.24 18.80 -22.56
C MET A 1 -4.89 19.10 -21.93
N ASP A 2 -4.65 18.53 -20.76
CA ASP A 2 -3.41 18.73 -20.02
C ASP A 2 -2.34 17.67 -20.34
N VAL A 3 -1.79 17.77 -21.53
CA VAL A 3 -0.82 16.81 -22.04
C VAL A 3 0.65 17.03 -21.64
N VAL A 4 1.47 15.97 -21.62
CA VAL A 4 2.90 16.07 -21.30
C VAL A 4 3.65 14.78 -21.71
N SER A 5 4.97 14.77 -21.58
CA SER A 5 5.79 13.61 -21.91
C SER A 5 6.70 13.32 -20.74
N LEU A 6 6.61 12.10 -20.21
CA LEU A 6 7.40 11.70 -19.06
C LEU A 6 8.20 10.46 -19.35
N ASP A 7 9.35 10.37 -18.70
CA ASP A 7 10.21 9.22 -18.81
C ASP A 7 9.57 8.14 -17.94
N LYS A 8 9.48 8.43 -16.65
CA LYS A 8 8.94 7.52 -15.67
C LYS A 8 8.06 8.31 -14.70
N PRO A 9 7.26 7.62 -13.87
CA PRO A 9 6.38 8.32 -12.93
C PRO A 9 7.13 8.41 -11.59
N PHE A 10 6.64 9.20 -10.66
CA PHE A 10 7.25 9.31 -9.34
C PHE A 10 6.79 8.02 -8.65
N MET A 11 7.75 7.18 -8.27
CA MET A 11 7.43 5.94 -7.61
C MET A 11 7.50 6.11 -6.10
N TYR A 12 8.41 6.97 -5.63
CA TYR A 12 8.59 7.20 -4.19
C TYR A 12 8.52 8.70 -3.86
N PHE A 13 8.16 9.00 -2.61
CA PHE A 13 8.01 10.41 -2.16
C PHE A 13 9.21 11.29 -2.41
N GLU A 14 10.39 10.77 -2.14
CA GLU A 14 11.64 11.50 -2.33
C GLU A 14 11.92 11.89 -3.78
N GLU A 15 11.20 11.30 -4.72
CA GLU A 15 11.39 11.63 -6.12
C GLU A 15 10.59 12.87 -6.52
N ILE A 16 9.55 13.20 -5.76
CA ILE A 16 8.75 14.37 -6.10
C ILE A 16 9.72 15.56 -6.07
N ASP A 17 9.86 16.20 -7.22
CA ASP A 17 10.78 17.31 -7.41
C ASP A 17 10.19 18.72 -7.43
N ASN A 18 9.08 18.94 -6.75
CA ASN A 18 8.47 20.27 -6.74
C ASN A 18 7.39 20.30 -5.67
N GLU A 19 6.91 21.49 -5.32
CA GLU A 19 5.87 21.62 -4.31
C GLU A 19 4.88 22.72 -4.59
N LEU A 20 3.77 22.70 -3.86
CA LEU A 20 2.69 23.67 -4.03
C LEU A 20 2.02 23.92 -2.70
N ASP A 21 1.65 25.17 -2.47
CA ASP A 21 0.97 25.53 -1.24
C ASP A 21 -0.38 24.86 -1.31
N TYR A 22 -0.70 24.12 -0.26
CA TYR A 22 -1.97 23.43 -0.18
C TYR A 22 -3.17 24.40 -0.19
N GLU A 23 -4.13 24.14 -1.08
CA GLU A 23 -5.34 24.94 -1.19
C GLU A 23 -6.46 24.14 -0.57
N PRO A 24 -6.96 24.56 0.60
CA PRO A 24 -8.04 23.87 1.30
C PRO A 24 -9.33 23.68 0.50
N GLU A 25 -9.45 24.40 -0.61
CA GLU A 25 -10.61 24.31 -1.50
C GLU A 25 -10.60 23.00 -2.30
N SER A 26 -9.43 22.35 -2.35
CA SER A 26 -9.27 21.10 -3.07
C SER A 26 -10.07 19.99 -2.38
N ALA A 27 -10.30 20.14 -1.07
CA ALA A 27 -11.03 19.17 -0.27
C ALA A 27 -12.49 19.01 -0.69
N ASN A 28 -12.99 19.99 -1.44
CA ASN A 28 -14.35 19.96 -1.92
C ASN A 28 -14.47 19.34 -3.31
N GLU A 29 -13.33 18.95 -3.87
CA GLU A 29 -13.29 18.35 -5.20
C GLU A 29 -13.49 16.85 -5.18
N VAL A 30 -13.99 16.31 -6.28
CA VAL A 30 -14.23 14.88 -6.43
C VAL A 30 -12.99 14.06 -6.05
N ALA A 31 -13.12 13.23 -5.01
CA ALA A 31 -12.02 12.39 -4.52
C ALA A 31 -11.81 11.08 -5.28
N LYS A 32 -12.84 10.57 -5.95
CA LYS A 32 -12.69 9.32 -6.70
C LYS A 32 -13.49 9.25 -8.00
N LYS A 33 -12.86 8.66 -9.00
CA LYS A 33 -13.43 8.53 -10.33
C LYS A 33 -13.80 7.10 -10.74
N LEU A 34 -13.32 6.10 -10.00
CA LEU A 34 -13.59 4.70 -10.34
C LEU A 34 -14.29 3.91 -9.25
N PRO A 35 -15.21 3.01 -9.64
CA PRO A 35 -15.92 2.19 -8.66
C PRO A 35 -14.90 1.24 -8.02
N TYR A 36 -15.01 1.04 -6.71
CA TYR A 36 -14.09 0.18 -5.98
C TYR A 36 -12.66 0.67 -6.12
N GLN A 37 -12.48 2.00 -6.25
CA GLN A 37 -11.14 2.55 -6.40
C GLN A 37 -10.27 2.26 -5.18
N GLY A 38 -10.89 2.21 -4.00
CA GLY A 38 -10.14 1.91 -2.78
C GLY A 38 -9.50 0.52 -2.79
N GLN A 39 -10.23 -0.45 -3.34
CA GLN A 39 -9.70 -1.82 -3.40
C GLN A 39 -8.57 -1.88 -4.44
N LEU A 40 -8.75 -1.16 -5.55
CA LEU A 40 -7.73 -1.08 -6.59
C LEU A 40 -6.42 -0.52 -6.02
N LYS A 41 -6.53 0.60 -5.28
CA LYS A 41 -5.37 1.24 -4.68
C LYS A 41 -4.55 0.24 -3.84
N LEU A 42 -5.23 -0.45 -2.93
CA LEU A 42 -4.58 -1.43 -2.04
C LEU A 42 -4.02 -2.63 -2.80
N LEU A 43 -4.76 -3.10 -3.80
CA LEU A 43 -4.30 -4.27 -4.56
C LEU A 43 -2.98 -3.99 -5.29
N LEU A 44 -2.89 -2.83 -5.94
CA LEU A 44 -1.67 -2.49 -6.67
C LEU A 44 -0.47 -2.35 -5.75
N GLY A 45 -0.63 -1.63 -4.64
CA GLY A 45 0.46 -1.44 -3.70
C GLY A 45 0.94 -2.72 -3.06
N GLU A 46 0.00 -3.56 -2.65
CA GLU A 46 0.34 -4.84 -2.02
C GLU A 46 0.93 -5.84 -3.03
N LEU A 47 0.51 -5.78 -4.29
CA LEU A 47 1.08 -6.66 -5.34
C LEU A 47 2.54 -6.23 -5.52
N PHE A 48 2.73 -4.91 -5.59
CA PHE A 48 4.06 -4.32 -5.74
C PHE A 48 4.96 -4.74 -4.59
N PHE A 49 4.50 -4.52 -3.37
CA PHE A 49 5.25 -4.87 -2.18
C PHE A 49 5.59 -6.36 -2.15
N LEU A 50 4.57 -7.21 -2.26
CA LEU A 50 4.80 -8.64 -2.24
C LEU A 50 5.69 -9.16 -3.38
N SER A 51 5.59 -8.58 -4.58
CA SER A 51 6.44 -9.01 -5.70
C SER A 51 7.90 -8.73 -5.40
N LYS A 52 8.15 -7.63 -4.69
CA LYS A 52 9.50 -7.25 -4.28
C LYS A 52 10.09 -8.31 -3.35
N LEU A 53 9.30 -8.72 -2.34
CA LEU A 53 9.74 -9.74 -1.39
C LEU A 53 10.04 -11.06 -2.07
N GLN A 54 9.27 -11.38 -3.10
CA GLN A 54 9.46 -12.61 -3.87
C GLN A 54 10.83 -12.49 -4.53
N ARG A 55 11.10 -11.31 -5.10
CA ARG A 55 12.34 -11.01 -5.77
C ARG A 55 13.54 -11.20 -4.82
N HIS A 56 13.35 -10.89 -3.54
CA HIS A 56 14.42 -11.06 -2.55
C HIS A 56 14.37 -12.43 -1.91
N GLY A 57 13.47 -13.27 -2.40
CA GLY A 57 13.33 -14.62 -1.88
C GLY A 57 12.91 -14.74 -0.43
N ILE A 58 12.09 -13.82 0.07
CA ILE A 58 11.66 -13.89 1.46
C ILE A 58 10.16 -14.10 1.62
N LEU A 59 9.46 -14.25 0.50
CA LEU A 59 8.01 -14.46 0.52
C LEU A 59 7.58 -15.92 0.75
N ASP A 60 8.17 -16.82 -0.04
CA ASP A 60 7.82 -18.24 0.04
C ASP A 60 8.05 -18.79 1.44
N GLY A 61 7.03 -19.41 2.00
CA GLY A 61 7.13 -20.00 3.33
C GLY A 61 6.78 -19.07 4.48
N ALA A 62 6.40 -17.83 4.18
CA ALA A 62 6.07 -16.87 5.21
C ALA A 62 4.59 -16.85 5.56
N THR A 63 4.23 -16.28 6.70
CA THR A 63 2.81 -16.12 7.05
C THR A 63 2.62 -14.62 6.93
N VAL A 64 1.64 -14.19 6.12
CA VAL A 64 1.37 -12.77 5.98
C VAL A 64 0.30 -12.43 7.02
N VAL A 65 0.63 -11.53 7.94
CA VAL A 65 -0.33 -11.11 8.93
C VAL A 65 -0.80 -9.71 8.49
N TYR A 66 -2.07 -9.61 8.11
CA TYR A 66 -2.67 -8.39 7.63
C TYR A 66 -3.65 -7.93 8.71
N ILE A 67 -3.37 -6.77 9.32
CA ILE A 67 -4.21 -6.23 10.37
C ILE A 67 -4.97 -5.04 9.76
N GLY A 68 -6.28 -5.01 9.94
CA GLY A 68 -7.09 -3.98 9.32
C GLY A 68 -7.40 -4.46 7.92
N SER A 69 -7.67 -5.77 7.81
CA SER A 69 -7.94 -6.42 6.53
C SER A 69 -9.37 -6.41 5.96
N ALA A 70 -10.38 -6.09 6.76
CA ALA A 70 -11.75 -6.11 6.30
C ALA A 70 -12.29 -4.84 5.67
N PRO A 71 -13.16 -4.97 4.67
CA PRO A 71 -13.70 -6.18 4.06
C PRO A 71 -12.64 -7.05 3.37
N GLY A 72 -11.63 -6.45 2.75
CA GLY A 72 -10.57 -7.24 2.13
C GLY A 72 -10.85 -7.96 0.82
N THR A 73 -11.87 -7.53 0.09
CA THR A 73 -12.23 -8.11 -1.21
C THR A 73 -11.03 -8.31 -2.11
N HIS A 74 -10.19 -7.29 -2.24
CA HIS A 74 -9.01 -7.34 -3.09
C HIS A 74 -7.97 -8.35 -2.63
N ILE A 75 -7.96 -8.70 -1.35
CA ILE A 75 -6.98 -9.66 -0.80
C ILE A 75 -7.17 -11.05 -1.47
N ARG A 76 -8.40 -11.35 -1.92
CA ARG A 76 -8.66 -12.62 -2.59
C ARG A 76 -7.85 -12.69 -3.89
N TYR A 77 -7.79 -11.58 -4.63
CA TYR A 77 -7.00 -11.57 -5.87
C TYR A 77 -5.51 -11.83 -5.54
N LEU A 78 -5.01 -11.14 -4.53
CA LEU A 78 -3.62 -11.31 -4.11
C LEU A 78 -3.30 -12.74 -3.78
N ARG A 79 -4.11 -13.33 -2.90
CA ARG A 79 -3.94 -14.71 -2.50
C ARG A 79 -3.92 -15.63 -3.73
N ASP A 80 -4.89 -15.45 -4.63
CA ASP A 80 -4.99 -16.25 -5.84
C ASP A 80 -3.76 -16.10 -6.71
N HIS A 81 -3.28 -14.86 -6.90
CA HIS A 81 -2.10 -14.63 -7.72
C HIS A 81 -0.85 -15.39 -7.27
N PHE A 82 -0.53 -15.37 -5.98
CA PHE A 82 0.68 -16.06 -5.54
C PHE A 82 0.48 -17.55 -5.39
N TYR A 83 -0.74 -17.96 -5.07
CA TYR A 83 -1.12 -19.37 -4.92
C TYR A 83 -0.94 -20.04 -6.28
N ASN A 84 -1.40 -19.37 -7.32
CA ASN A 84 -1.29 -19.88 -8.68
C ASN A 84 0.15 -19.87 -9.22
N LEU A 85 1.02 -19.08 -8.60
CA LEU A 85 2.42 -19.01 -9.01
C LEU A 85 3.22 -20.09 -8.29
N GLY A 86 2.60 -20.76 -7.32
CA GLY A 86 3.28 -21.83 -6.62
C GLY A 86 4.01 -21.39 -5.39
N VAL A 87 3.84 -20.14 -4.99
CA VAL A 87 4.48 -19.64 -3.79
C VAL A 87 3.64 -20.17 -2.63
N ILE A 88 4.27 -20.61 -1.56
CA ILE A 88 3.57 -21.13 -0.40
C ILE A 88 3.47 -20.04 0.69
N ILE A 89 2.28 -19.53 0.91
CA ILE A 89 2.03 -18.46 1.89
C ILE A 89 0.78 -18.79 2.71
N LYS A 90 0.82 -18.49 4.01
CA LYS A 90 -0.34 -18.66 4.89
C LYS A 90 -0.79 -17.22 5.13
N TRP A 91 -2.09 -16.96 5.06
CA TRP A 91 -2.60 -15.62 5.30
C TRP A 91 -3.38 -15.62 6.62
N MET A 92 -3.20 -14.56 7.41
CA MET A 92 -3.93 -14.40 8.67
C MET A 92 -4.49 -12.97 8.65
N LEU A 93 -5.79 -12.88 8.39
CA LEU A 93 -6.45 -11.60 8.28
C LEU A 93 -7.20 -11.32 9.57
N ILE A 94 -6.82 -10.22 10.24
CA ILE A 94 -7.39 -9.84 11.52
C ILE A 94 -8.03 -8.45 11.50
N ASP A 95 -9.31 -8.39 11.85
CA ASP A 95 -10.04 -7.14 11.88
C ASP A 95 -11.26 -7.35 12.75
N GLY A 96 -11.74 -6.29 13.40
CA GLY A 96 -12.92 -6.41 14.23
C GLY A 96 -14.17 -6.46 13.38
N ARG A 97 -14.09 -5.97 12.15
CA ARG A 97 -15.22 -6.01 11.22
C ARG A 97 -15.15 -7.34 10.43
N HIS A 98 -16.21 -7.65 9.70
CA HIS A 98 -16.25 -8.90 8.96
C HIS A 98 -15.71 -8.85 7.55
N HIS A 99 -15.02 -9.91 7.17
CA HIS A 99 -14.42 -9.99 5.86
C HIS A 99 -15.42 -10.42 4.80
N ASP A 100 -15.10 -10.07 3.56
CA ASP A 100 -15.91 -10.42 2.39
C ASP A 100 -15.92 -11.95 2.37
N PRO A 101 -17.10 -12.56 2.26
CA PRO A 101 -17.21 -14.02 2.23
C PRO A 101 -16.43 -14.75 1.12
N ILE A 102 -15.90 -14.04 0.12
CA ILE A 102 -15.11 -14.68 -0.94
C ILE A 102 -13.80 -15.20 -0.35
N LEU A 103 -13.47 -14.73 0.84
CA LEU A 103 -12.25 -15.13 1.53
C LEU A 103 -12.42 -16.42 2.34
N ASN A 104 -13.66 -16.88 2.50
CA ASN A 104 -13.95 -18.12 3.25
C ASN A 104 -13.58 -19.38 2.47
N GLY A 105 -13.47 -20.49 3.20
CA GLY A 105 -13.19 -21.77 2.57
C GLY A 105 -11.82 -22.05 2.02
N LEU A 106 -10.81 -21.29 2.40
CA LEU A 106 -9.48 -21.55 1.86
C LEU A 106 -8.62 -21.99 3.04
N ARG A 107 -8.02 -23.17 2.98
CA ARG A 107 -7.21 -23.64 4.10
C ARG A 107 -6.01 -22.75 4.39
N ASP A 108 -5.53 -22.04 3.37
CA ASP A 108 -4.37 -21.17 3.50
C ASP A 108 -4.67 -19.80 4.09
N VAL A 109 -5.95 -19.45 4.20
CA VAL A 109 -6.31 -18.18 4.82
C VAL A 109 -7.23 -18.29 6.04
N THR A 110 -6.74 -17.73 7.13
CA THR A 110 -7.42 -17.71 8.41
C THR A 110 -7.98 -16.30 8.64
N LEU A 111 -9.26 -16.20 8.91
CA LEU A 111 -9.92 -14.94 9.18
C LEU A 111 -10.16 -14.85 10.68
N VAL A 112 -9.77 -13.73 11.28
CA VAL A 112 -9.95 -13.56 12.70
C VAL A 112 -10.77 -12.28 12.93
N THR A 113 -11.77 -12.36 13.81
CA THR A 113 -12.60 -11.20 14.11
C THR A 113 -12.16 -10.75 15.50
N ARG A 114 -11.27 -9.78 15.52
CA ARG A 114 -10.70 -9.24 16.74
C ARG A 114 -10.00 -7.93 16.43
N PHE A 115 -10.12 -6.96 17.33
CA PHE A 115 -9.41 -5.69 17.18
C PHE A 115 -8.13 -5.99 17.96
N VAL A 116 -6.98 -5.83 17.32
CA VAL A 116 -5.74 -6.15 18.00
C VAL A 116 -5.24 -5.08 18.98
N ASP A 117 -4.66 -5.55 20.07
CA ASP A 117 -4.04 -4.67 21.05
C ASP A 117 -2.69 -5.33 21.27
N GLU A 118 -1.83 -4.68 22.03
CA GLU A 118 -0.50 -5.18 22.32
C GLU A 118 -0.49 -6.60 22.87
N GLU A 119 -1.40 -6.87 23.80
CA GLU A 119 -1.52 -8.18 24.43
C GLU A 119 -1.84 -9.29 23.42
N TYR A 120 -2.77 -8.99 22.51
CA TYR A 120 -3.19 -9.95 21.50
C TYR A 120 -2.01 -10.21 20.55
N LEU A 121 -1.26 -9.17 20.20
CA LEU A 121 -0.12 -9.34 19.31
C LEU A 121 0.82 -10.38 19.88
N ARG A 122 0.99 -10.33 21.21
CA ARG A 122 1.89 -11.25 21.91
C ARG A 122 1.43 -12.69 21.77
N SER A 123 0.12 -12.92 21.94
CA SER A 123 -0.41 -14.27 21.82
C SER A 123 -0.33 -14.80 20.40
N ILE A 124 -0.51 -13.94 19.40
CA ILE A 124 -0.40 -14.42 18.04
C ILE A 124 1.04 -14.66 17.68
N LYS A 125 1.95 -13.89 18.26
CA LYS A 125 3.37 -14.13 18.00
C LYS A 125 3.72 -15.52 18.54
N LYS A 126 3.28 -15.81 19.76
CA LYS A 126 3.55 -17.11 20.37
C LYS A 126 2.94 -18.23 19.54
N GLN A 127 1.75 -17.99 18.98
CA GLN A 127 1.08 -19.02 18.19
C GLN A 127 1.60 -19.19 16.77
N LEU A 128 2.13 -18.13 16.18
CA LEU A 128 2.67 -18.22 14.82
C LEU A 128 4.06 -18.84 14.83
N HIS A 129 4.75 -18.67 15.95
CA HIS A 129 6.09 -19.20 16.12
C HIS A 129 6.17 -20.67 15.72
N PRO A 130 7.20 -21.07 14.98
CA PRO A 130 8.34 -20.26 14.51
C PRO A 130 8.29 -19.80 13.06
N SER A 131 7.11 -19.49 12.52
CA SER A 131 7.05 -19.04 11.13
C SER A 131 7.55 -17.60 10.96
N LYS A 132 8.06 -17.29 9.77
CA LYS A 132 8.54 -15.96 9.43
C LYS A 132 7.30 -15.12 9.14
N ILE A 133 7.25 -13.90 9.65
CA ILE A 133 6.09 -13.03 9.46
C ILE A 133 6.31 -11.83 8.57
N ILE A 134 5.35 -11.57 7.69
CA ILE A 134 5.34 -10.41 6.79
C ILE A 134 4.11 -9.64 7.28
N LEU A 135 4.32 -8.40 7.75
CA LEU A 135 3.22 -7.61 8.26
C LEU A 135 2.67 -6.63 7.26
N ILE A 136 1.33 -6.54 7.20
CA ILE A 136 0.67 -5.57 6.34
C ILE A 136 -0.35 -4.90 7.28
N SER A 137 -0.26 -3.57 7.42
CA SER A 137 -1.19 -2.87 8.29
C SER A 137 -1.99 -1.81 7.56
N ASP A 138 -3.30 -1.82 7.76
CA ASP A 138 -4.16 -0.83 7.13
C ASP A 138 -5.18 -0.31 8.13
N VAL A 139 -4.83 -0.38 9.42
CA VAL A 139 -5.74 0.05 10.47
C VAL A 139 -6.15 1.53 10.36
N ARG A 140 -7.40 1.82 10.69
CA ARG A 140 -7.92 3.17 10.66
C ARG A 140 -8.83 3.30 11.86
N SER A 141 -8.62 4.37 12.62
CA SER A 141 -9.37 4.66 13.83
C SER A 141 -10.89 4.82 13.61
N PRO A 148 -8.80 11.33 10.18
CA PRO A 148 -8.97 11.17 11.63
C PRO A 148 -8.21 12.30 12.29
N SER A 149 -8.38 12.49 13.59
CA SER A 149 -7.67 13.55 14.27
C SER A 149 -6.18 13.19 14.29
N THR A 150 -5.31 14.17 14.56
CA THR A 150 -3.88 13.88 14.63
C THR A 150 -3.65 12.93 15.79
N ALA A 151 -4.50 13.04 16.81
CA ALA A 151 -4.41 12.16 17.97
C ALA A 151 -4.68 10.73 17.53
N ASP A 152 -5.68 10.55 16.67
CA ASP A 152 -6.05 9.24 16.14
C ASP A 152 -4.87 8.64 15.37
N LEU A 153 -4.32 9.42 14.44
CA LEU A 153 -3.21 8.97 13.64
C LEU A 153 -2.05 8.53 14.50
N LEU A 154 -1.62 9.40 15.42
CA LEU A 154 -0.51 9.07 16.30
C LEU A 154 -0.75 7.74 17.02
N SER A 155 -1.97 7.54 17.50
CA SER A 155 -2.33 6.31 18.19
C SER A 155 -2.13 5.15 17.22
N ASN A 156 -2.57 5.34 15.99
CA ASN A 156 -2.46 4.31 14.94
C ASN A 156 -1.02 3.96 14.67
N TYR A 157 -0.19 5.00 14.52
CA TYR A 157 1.24 4.83 14.27
C TYR A 157 1.97 4.18 15.43
N ALA A 158 1.57 4.51 16.65
CA ALA A 158 2.18 3.89 17.83
C ALA A 158 1.87 2.38 17.80
N LEU A 159 0.64 2.02 17.44
CA LEU A 159 0.23 0.61 17.37
C LEU A 159 1.02 -0.11 16.29
N GLN A 160 1.22 0.57 15.16
CA GLN A 160 1.98 -0.03 14.10
C GLN A 160 3.42 -0.32 14.49
N ASN A 161 4.03 0.56 15.31
CA ASN A 161 5.40 0.30 15.73
C ASN A 161 5.46 -0.86 16.72
N VAL A 162 4.40 -1.03 17.51
CA VAL A 162 4.30 -2.13 18.49
C VAL A 162 4.05 -3.49 17.79
N MET A 163 3.45 -3.42 16.60
CA MET A 163 3.19 -4.57 15.74
C MET A 163 4.54 -5.12 15.31
N ILE A 164 5.43 -4.23 14.90
CA ILE A 164 6.77 -4.59 14.46
C ILE A 164 7.65 -5.09 15.60
N SER A 165 7.60 -4.44 16.75
CA SER A 165 8.40 -4.86 17.89
C SER A 165 8.00 -6.21 18.50
N ILE A 166 6.69 -6.49 18.49
CA ILE A 166 6.19 -7.75 19.02
C ILE A 166 6.21 -8.84 17.95
N LEU A 167 5.71 -8.54 16.75
CA LEU A 167 5.67 -9.53 15.69
C LEU A 167 7.04 -9.83 15.09
N ASN A 168 7.92 -8.84 15.11
CA ASN A 168 9.27 -9.02 14.59
C ASN A 168 9.27 -9.60 13.16
N PRO A 169 8.54 -8.95 12.23
CA PRO A 169 8.47 -9.43 10.85
C PRO A 169 9.75 -9.30 10.04
N VAL A 170 9.79 -10.02 8.92
CA VAL A 170 10.91 -9.99 8.00
C VAL A 170 10.76 -8.78 7.09
N ALA A 171 9.53 -8.27 6.98
CA ALA A 171 9.23 -7.11 6.15
C ALA A 171 7.85 -6.57 6.56
N SER A 172 7.59 -5.31 6.25
CA SER A 172 6.30 -4.72 6.59
C SER A 172 5.85 -3.67 5.59
N SER A 173 4.54 -3.49 5.48
CA SER A 173 3.95 -2.48 4.62
C SER A 173 3.01 -1.79 5.58
N LEU A 174 3.26 -0.51 5.85
CA LEU A 174 2.44 0.22 6.79
C LEU A 174 1.77 1.44 6.18
N LYS A 175 0.53 1.68 6.58
CA LYS A 175 -0.24 2.82 6.13
C LYS A 175 0.50 4.06 6.68
N TRP A 176 0.74 5.05 5.82
CA TRP A 176 1.47 6.23 6.27
C TRP A 176 0.94 7.51 5.66
N ARG A 177 0.37 8.36 6.52
CA ARG A 177 -0.11 9.66 6.08
C ARG A 177 0.30 10.63 7.18
N CYS A 178 1.15 11.57 6.84
CA CYS A 178 1.63 12.52 7.84
C CYS A 178 0.55 13.48 8.30
N PRO A 179 0.46 13.70 9.64
CA PRO A 179 -0.55 14.65 10.14
C PRO A 179 -0.31 16.00 9.47
N PHE A 180 -1.36 16.79 9.35
CA PHE A 180 -1.24 18.11 8.73
C PHE A 180 -0.49 19.07 9.67
N PRO A 181 0.41 19.92 9.12
CA PRO A 181 1.19 20.87 9.92
C PRO A 181 0.36 21.79 10.81
N ASP A 182 -0.80 22.20 10.31
CA ASP A 182 -1.71 23.06 11.06
C ASP A 182 -2.46 22.34 12.18
N GLN A 183 -2.21 21.05 12.34
CA GLN A 183 -2.83 20.22 13.36
C GLN A 183 -1.76 19.37 14.03
N TRP A 184 -0.56 19.93 14.14
CA TRP A 184 0.55 19.21 14.75
C TRP A 184 0.30 19.05 16.24
N ILE A 185 0.83 17.99 16.83
CA ILE A 185 0.67 17.76 18.26
C ILE A 185 2.04 17.53 18.87
N LYS A 186 2.80 16.63 18.28
CA LYS A 186 4.13 16.34 18.74
C LYS A 186 4.88 15.54 17.70
N ASP A 187 6.20 15.57 17.78
CA ASP A 187 7.05 14.82 16.89
C ASP A 187 6.88 13.35 17.26
N PHE A 188 7.15 12.45 16.32
CA PHE A 188 7.04 11.02 16.59
C PHE A 188 7.96 10.27 15.65
N TYR A 189 8.11 8.97 15.88
CA TYR A 189 8.98 8.15 15.04
C TYR A 189 8.19 7.10 14.27
N ILE A 190 8.62 6.84 13.03
CA ILE A 190 8.01 5.84 12.17
C ILE A 190 9.18 4.97 11.68
N PRO A 191 8.92 3.71 11.31
CA PRO A 191 10.00 2.84 10.85
C PRO A 191 10.61 3.37 9.57
N HIS A 192 11.90 3.13 9.42
CA HIS A 192 12.56 3.55 8.22
C HIS A 192 12.13 2.57 7.11
N GLY A 193 11.82 3.10 5.93
CA GLY A 193 11.40 2.26 4.82
C GLY A 193 11.26 3.14 3.60
N ASN A 194 10.84 2.57 2.47
CA ASN A 194 10.64 3.36 1.25
C ASN A 194 9.22 3.90 1.28
N LYS A 195 9.04 5.17 0.92
CA LYS A 195 7.72 5.82 0.89
C LYS A 195 7.07 5.59 -0.46
N MET A 196 6.44 4.44 -0.63
CA MET A 196 5.78 4.10 -1.88
C MET A 196 4.51 4.91 -2.14
N LEU A 197 4.51 5.61 -3.27
CA LEU A 197 3.37 6.40 -3.72
C LEU A 197 2.29 5.47 -4.28
N GLN A 198 1.04 5.89 -4.20
CA GLN A 198 -0.05 5.05 -4.64
C GLN A 198 -0.96 5.49 -5.75
N PRO A 199 -0.90 4.81 -6.88
CA PRO A 199 -1.79 5.18 -8.00
C PRO A 199 -3.25 4.94 -7.52
N PHE A 200 -4.18 5.72 -8.05
CA PHE A 200 -5.60 5.59 -7.68
C PHE A 200 -5.98 5.88 -6.22
N ALA A 201 -5.12 6.62 -5.52
CA ALA A 201 -5.39 7.04 -4.16
C ALA A 201 -6.46 8.15 -4.33
N PRO A 202 -7.16 8.56 -3.26
CA PRO A 202 -8.14 9.64 -3.50
C PRO A 202 -7.43 10.86 -4.13
N SER A 203 -8.18 11.66 -4.89
CA SER A 203 -7.67 12.83 -5.60
C SER A 203 -6.69 13.69 -4.85
N TYR A 204 -6.96 13.97 -3.59
CA TYR A 204 -6.07 14.81 -2.80
C TYR A 204 -5.48 14.16 -1.57
N SER A 205 -5.38 12.84 -1.61
CA SER A 205 -4.82 12.08 -0.51
C SER A 205 -3.30 12.28 -0.38
N ALA A 206 -2.82 12.38 0.86
CA ALA A 206 -1.40 12.52 1.14
C ALA A 206 -0.87 11.21 1.70
N GLU A 207 -1.66 10.14 1.52
CA GLU A 207 -1.30 8.81 2.03
C GLU A 207 -0.38 8.04 1.09
N MET A 208 0.62 7.39 1.66
CA MET A 208 1.54 6.58 0.90
C MET A 208 1.70 5.27 1.69
N ARG A 209 2.61 4.39 1.26
CA ARG A 209 2.85 3.13 1.96
C ARG A 209 4.32 2.97 2.36
N LEU A 210 4.56 2.71 3.64
CA LEU A 210 5.94 2.54 4.14
C LEU A 210 6.34 1.06 4.03
N LEU A 211 7.32 0.78 3.16
CA LEU A 211 7.80 -0.56 2.89
C LEU A 211 9.16 -0.79 3.50
N SER A 212 9.26 -1.73 4.44
CA SER A 212 10.52 -1.99 5.13
C SER A 212 10.88 -3.46 5.11
N ILE A 213 12.17 -3.75 5.05
CA ILE A 213 12.67 -5.12 5.06
C ILE A 213 13.64 -5.16 6.23
N TYR A 214 13.42 -6.09 7.14
CA TYR A 214 14.24 -6.16 8.33
C TYR A 214 15.41 -7.13 8.30
N THR A 215 16.60 -6.55 8.28
CA THR A 215 17.86 -7.27 8.26
C THR A 215 18.40 -7.25 9.68
N GLY A 216 19.11 -8.30 10.07
CA GLY A 216 19.68 -8.38 11.40
C GLY A 216 18.62 -8.33 12.50
N GLU A 217 19.02 -7.88 13.68
CA GLU A 217 18.10 -7.78 14.81
C GLU A 217 17.89 -6.29 15.14
N ASN A 218 18.23 -5.44 14.18
CA ASN A 218 18.12 -3.99 14.33
C ASN A 218 16.81 -3.45 13.80
N MET A 219 16.37 -2.35 14.40
CA MET A 219 15.16 -1.68 13.99
C MET A 219 15.55 -0.21 13.92
N ARG A 220 15.42 0.36 12.73
CA ARG A 220 15.74 1.76 12.53
C ARG A 220 14.47 2.58 12.36
N LEU A 221 14.36 3.64 13.15
CA LEU A 221 13.22 4.53 13.10
C LEU A 221 13.70 5.88 12.63
N THR A 222 12.76 6.76 12.31
CA THR A 222 13.09 8.09 11.86
C THR A 222 12.07 9.08 12.44
N ARG A 223 12.57 10.18 13.00
CA ARG A 223 11.71 11.19 13.63
C ARG A 223 10.96 11.98 12.56
N VAL A 224 9.74 12.36 12.86
CA VAL A 224 8.95 13.18 11.94
C VAL A 224 8.52 14.44 12.70
N THR A 225 8.92 15.58 12.15
CA THR A 225 8.67 16.87 12.76
C THR A 225 7.68 17.67 11.96
N LYS A 226 7.22 18.77 12.54
CA LYS A 226 6.26 19.64 11.90
C LYS A 226 6.81 20.17 10.57
N SER A 227 8.13 20.41 10.53
CA SER A 227 8.71 20.91 9.29
C SER A 227 8.59 19.82 8.22
N ASP A 228 8.69 18.57 8.65
CA ASP A 228 8.55 17.43 7.74
C ASP A 228 7.11 17.42 7.26
N ALA A 229 6.21 17.67 8.18
CA ALA A 229 4.80 17.70 7.86
C ALA A 229 4.50 18.76 6.80
N VAL A 230 5.20 19.89 6.86
CA VAL A 230 4.99 20.97 5.89
C VAL A 230 5.46 20.52 4.52
N ASN A 231 6.56 19.77 4.52
CA ASN A 231 7.14 19.24 3.28
C ASN A 231 6.21 18.21 2.63
N TYR A 232 5.67 17.29 3.43
CA TYR A 232 4.74 16.26 2.93
C TYR A 232 3.55 16.91 2.26
N GLU A 233 3.01 17.93 2.94
CA GLU A 233 1.86 18.66 2.45
C GLU A 233 2.04 19.34 1.08
N LYS A 234 3.15 20.04 0.93
CA LYS A 234 3.44 20.72 -0.32
C LYS A 234 3.81 19.79 -1.49
N LYS A 235 4.61 18.77 -1.22
CA LYS A 235 5.02 17.79 -2.25
C LYS A 235 3.80 16.98 -2.69
N MET A 236 3.02 16.47 -1.74
CA MET A 236 1.84 15.68 -2.10
C MET A 236 0.78 16.57 -2.78
N TYR A 237 0.67 17.83 -2.38
CA TYR A 237 -0.31 18.69 -3.02
C TYR A 237 0.10 18.96 -4.48
N TYR A 238 1.41 19.13 -4.70
CA TYR A 238 1.93 19.35 -6.05
C TYR A 238 1.63 18.09 -6.89
N LEU A 239 1.97 16.93 -6.34
CA LEU A 239 1.74 15.65 -7.02
C LEU A 239 0.26 15.47 -7.42
N ASN A 240 -0.63 15.74 -6.47
CA ASN A 240 -2.08 15.61 -6.66
C ASN A 240 -2.69 16.63 -7.62
N LYS A 241 -2.36 17.90 -7.42
CA LYS A 241 -2.93 18.94 -8.26
C LYS A 241 -2.37 18.99 -9.67
N ILE A 242 -1.05 18.88 -9.79
CA ILE A 242 -0.43 18.99 -11.10
C ILE A 242 -0.12 17.69 -11.82
N VAL A 243 0.75 16.88 -11.23
CA VAL A 243 1.18 15.62 -11.82
C VAL A 243 0.06 14.65 -12.22
N ARG A 244 -0.68 14.16 -11.24
CA ARG A 244 -1.75 13.21 -11.45
C ARG A 244 -2.83 13.68 -12.41
N ASN A 245 -2.85 14.96 -12.71
CA ASN A 245 -3.84 15.46 -13.65
C ASN A 245 -3.32 15.48 -15.10
N LYS A 246 -2.10 14.99 -15.32
CA LYS A 246 -1.51 14.91 -16.67
C LYS A 246 -1.93 13.70 -17.49
N VAL A 247 -1.94 13.87 -18.80
CA VAL A 247 -2.28 12.80 -19.75
C VAL A 247 -0.95 12.52 -20.47
N VAL A 248 -0.22 11.47 -20.05
CA VAL A 248 1.07 11.12 -20.65
C VAL A 248 0.96 10.68 -22.12
N VAL A 249 1.06 11.64 -23.04
CA VAL A 249 0.92 11.38 -24.48
C VAL A 249 1.99 10.53 -25.11
N ASN A 250 3.19 10.51 -24.53
CA ASN A 250 4.20 9.65 -25.10
C ASN A 250 4.05 8.21 -24.54
N PHE A 251 3.00 7.99 -23.75
CA PHE A 251 2.70 6.69 -23.14
C PHE A 251 1.69 6.00 -24.07
N ASP A 252 2.18 5.10 -24.89
CA ASP A 252 1.33 4.39 -25.85
C ASP A 252 0.65 3.26 -25.09
N TYR A 253 -0.53 3.55 -24.55
CA TYR A 253 -1.27 2.58 -23.76
C TYR A 253 -2.74 2.98 -23.93
N PRO A 254 -3.67 2.03 -23.80
CA PRO A 254 -5.09 2.35 -23.94
C PRO A 254 -5.59 3.53 -23.08
N ASN A 255 -4.91 3.79 -21.95
CA ASN A 255 -5.24 4.93 -21.10
C ASN A 255 -3.93 5.63 -20.76
N GLN A 256 -3.83 6.91 -21.09
CA GLN A 256 -2.62 7.69 -20.87
C GLN A 256 -2.65 8.60 -19.63
N GLU A 257 -3.68 8.46 -18.82
CA GLU A 257 -3.78 9.29 -17.63
C GLU A 257 -2.65 8.93 -16.70
N TYR A 258 -2.07 9.91 -16.00
CA TYR A 258 -0.94 9.65 -15.13
C TYR A 258 -1.07 8.39 -14.23
N ASP A 259 -2.22 8.24 -13.58
CA ASP A 259 -2.42 7.09 -12.69
C ASP A 259 -2.25 5.72 -13.38
N TYR A 260 -2.54 5.67 -14.67
CA TYR A 260 -2.38 4.42 -15.43
C TYR A 260 -0.92 4.25 -15.82
N PHE A 261 -0.25 5.37 -16.07
CA PHE A 261 1.16 5.40 -16.41
C PHE A 261 1.93 4.93 -15.18
N HIS A 262 1.48 5.35 -14.01
CA HIS A 262 2.11 4.98 -12.76
C HIS A 262 1.78 3.50 -12.45
N MET A 263 0.53 3.13 -12.69
CA MET A 263 0.10 1.73 -12.48
C MET A 263 1.00 0.78 -13.31
N TYR A 264 1.22 1.15 -14.58
CA TYR A 264 2.05 0.39 -15.50
C TYR A 264 3.40 0.07 -14.89
N PHE A 265 4.06 1.06 -14.31
CA PHE A 265 5.37 0.84 -13.74
C PHE A 265 5.36 -0.07 -12.52
N MET A 266 4.23 -0.14 -11.82
CA MET A 266 4.14 -1.04 -10.67
C MET A 266 3.88 -2.45 -11.19
N LEU A 267 2.98 -2.55 -12.15
CA LEU A 267 2.61 -3.83 -12.73
C LEU A 267 3.68 -4.52 -13.53
N ARG A 268 4.63 -3.77 -14.04
CA ARG A 268 5.70 -4.38 -14.81
C ARG A 268 6.63 -5.18 -13.91
N THR A 269 6.58 -4.95 -12.60
CA THR A 269 7.44 -5.67 -11.67
C THR A 269 6.84 -6.98 -11.12
N VAL A 270 5.57 -7.24 -11.46
CA VAL A 270 4.85 -8.43 -11.01
C VAL A 270 5.21 -9.66 -11.86
N TYR A 271 5.34 -10.82 -11.22
CA TYR A 271 5.68 -12.09 -11.90
C TYR A 271 4.45 -12.85 -12.37
N CYS A 272 4.53 -13.44 -13.55
CA CYS A 272 3.42 -14.21 -14.14
C CYS A 272 3.85 -15.63 -14.53
N ASN A 273 2.87 -16.49 -14.81
CA ASN A 273 3.14 -17.84 -15.27
C ASN A 273 3.28 -17.79 -16.79
N LYS A 274 2.31 -17.12 -17.42
CA LYS A 274 2.26 -16.95 -18.86
C LYS A 274 3.45 -16.12 -19.30
N THR A 275 3.99 -16.42 -20.48
CA THR A 275 5.13 -15.67 -21.01
C THR A 275 4.58 -14.72 -22.03
N PHE A 276 5.07 -13.48 -22.00
CA PHE A 276 4.65 -12.42 -22.90
C PHE A 276 5.82 -11.90 -23.76
N PRO A 277 5.53 -11.47 -24.99
CA PRO A 277 6.53 -10.95 -25.92
C PRO A 277 7.04 -9.55 -25.55
N THR A 278 6.23 -8.79 -24.82
CA THR A 278 6.62 -7.44 -24.37
C THR A 278 6.03 -7.13 -23.01
N THR A 279 6.66 -6.18 -22.33
CA THR A 279 6.20 -5.74 -21.03
C THR A 279 4.78 -5.20 -21.16
N LYS A 280 4.54 -4.48 -22.25
CA LYS A 280 3.23 -3.89 -22.49
C LYS A 280 2.14 -4.95 -22.48
N ALA A 281 2.44 -6.12 -23.03
CA ALA A 281 1.48 -7.22 -23.09
C ALA A 281 1.22 -7.77 -21.68
N LYS A 282 2.27 -7.92 -20.89
CA LYS A 282 2.08 -8.43 -19.55
C LYS A 282 1.20 -7.47 -18.73
N VAL A 283 1.56 -6.18 -18.75
CA VAL A 283 0.83 -5.14 -18.02
C VAL A 283 -0.64 -5.07 -18.42
N LEU A 284 -0.90 -5.04 -19.71
CA LEU A 284 -2.28 -5.00 -20.17
C LEU A 284 -3.01 -6.23 -19.63
N PHE A 285 -2.32 -7.36 -19.60
CA PHE A 285 -2.93 -8.59 -19.14
C PHE A 285 -3.30 -8.48 -17.67
N LEU A 286 -2.32 -8.10 -16.86
CA LEU A 286 -2.49 -7.94 -15.41
C LEU A 286 -3.57 -6.91 -15.09
N GLN A 287 -3.57 -5.78 -15.79
CA GLN A 287 -4.57 -4.73 -15.57
C GLN A 287 -5.99 -5.23 -15.88
N GLN A 288 -6.15 -5.85 -17.05
CA GLN A 288 -7.45 -6.39 -17.48
C GLN A 288 -7.95 -7.39 -16.43
N SER A 289 -7.05 -8.26 -16.01
CA SER A 289 -7.32 -9.27 -15.01
C SER A 289 -7.79 -8.61 -13.71
N ILE A 290 -7.05 -7.59 -13.27
CA ILE A 290 -7.37 -6.88 -12.05
C ILE A 290 -8.72 -6.19 -12.11
N PHE A 291 -8.95 -5.47 -13.20
CA PHE A 291 -10.19 -4.75 -13.37
C PHE A 291 -11.39 -5.68 -13.43
N ARG A 292 -11.23 -6.78 -14.15
CA ARG A 292 -12.35 -7.72 -14.23
C ARG A 292 -12.68 -8.26 -12.82
N PHE A 293 -11.66 -8.67 -12.07
CA PHE A 293 -11.88 -9.18 -10.74
C PHE A 293 -12.63 -8.19 -9.86
N LEU A 294 -12.18 -6.93 -9.84
CA LEU A 294 -12.83 -5.93 -9.01
C LEU A 294 -14.12 -5.37 -9.59
N ASN A 295 -14.49 -5.81 -10.79
CA ASN A 295 -15.73 -5.35 -11.42
C ASN A 295 -15.66 -3.87 -11.84
N ILE A 296 -14.48 -3.46 -12.28
CA ILE A 296 -14.22 -2.11 -12.75
C ILE A 296 -14.23 -2.14 -14.28
N PRO A 297 -15.19 -1.45 -14.91
CA PRO A 297 -15.33 -1.41 -16.37
C PRO A 297 -14.01 -1.08 -17.06
N SAH B . -7.52 -3.11 4.28
CA SAH B . -8.96 -3.22 4.16
CB SAH B . -9.63 -1.88 4.51
CG SAH B . -9.42 -1.48 5.96
SD SAH B . -10.32 -0.01 6.51
C SAH B . -9.36 -3.64 2.76
O SAH B . -8.50 -4.26 2.10
OXT SAH B . -10.58 -3.61 2.44
C5' SAH B . -9.57 0.16 8.13
C4' SAH B . -9.85 -1.00 9.07
O4' SAH B . -8.99 -0.92 10.17
C3' SAH B . -11.21 -1.06 9.68
O3' SAH B . -11.87 -2.19 9.11
C2' SAH B . -11.02 -1.25 11.13
O2' SAH B . -12.01 -2.16 11.77
C1' SAH B . -9.65 -1.78 11.17
N9 SAH B . -9.06 -1.60 12.53
C8 SAH B . -8.98 -0.46 13.35
N7 SAH B . -8.31 -0.68 14.45
C5 SAH B . -7.94 -2.04 14.38
C6 SAH B . -7.26 -2.92 15.23
N6 SAH B . -6.73 -2.61 16.43
N1 SAH B . -7.13 -4.21 14.85
C2 SAH B . -7.62 -4.65 13.73
N3 SAH B . -8.26 -3.90 12.84
C4 SAH B . -8.40 -2.59 13.23
HN1 SAH B . -7.15 -3.31 5.17
HO2' SAH B . -11.90 -1.95 12.70
HN61 SAH B . -6.81 -1.65 16.71
HN62 SAH B . -6.28 -3.29 17.01
N9 3MA C . -5.34 17.61 2.79
C4 3MA C . -5.84 18.25 3.92
N3 3MA C . -7.06 18.05 4.51
CN3 3MA C . -8.09 17.10 4.11
C2 3MA C . -7.18 18.86 5.57
N1 3MA C . -6.32 19.75 6.08
C6 3MA C . -5.15 19.92 5.49
N6 3MA C . -4.30 20.78 6.03
C5 3MA C . -4.86 19.13 4.34
N7 3MA C . -3.75 19.04 3.48
C8 3MA C . -4.08 18.13 2.60
HN61 3MA C . -3.42 20.94 5.56
HN62 3MA C . -4.54 21.27 6.88
#